data_1VK6
#
_entry.id   1VK6
#
_cell.length_a   127.319
_cell.length_b   127.319
_cell.length_c   108.405
_cell.angle_alpha   90.00
_cell.angle_beta   90.00
_cell.angle_gamma   120.00
#
_symmetry.space_group_name_H-M   'P 65 2 2'
#
loop_
_entity.id
_entity.type
_entity.pdbx_description
1 polymer 'NADH pyrophosphatase'
2 non-polymer 'ZINC ION'
3 non-polymer (4S)-2-METHYL-2,4-PENTANEDIOL
4 water water
#
_entity_poly.entity_id   1
_entity_poly.type   'polypeptide(L)'
_entity_poly.pdbx_seq_one_letter_code
;MGSDKIHHHHHH(MSE)DRIIEKLDHGWWVVSHEQKLWLPKGELPYGEAANFDLVGQRALQIGEWQGEPVWLVQQQRRHD
(MSE)GSVRQVIDLDVGLFQLAGRGVQLAEFYRSHKYCGYCGHE(MSE)YPSKTEWA(MSE)LCSHCRERYYPQIAPCII
VAIRRDDSILLAQHTRHRNGVHTVLAGFVEVGETLEQAVAREV(MSE)EESGIKVKNLRYVTSQPWPFPQSL(MSE)TAF
(MSE)AEYDSGDIVIDPKELLEANWYRYDDLPLLPPPGTVARRLIEDTVA(MSE)CRAEYE
;
_entity_poly.pdbx_strand_id   A
#
loop_
_chem_comp.id
_chem_comp.type
_chem_comp.name
_chem_comp.formula
MPD non-polymer (4S)-2-METHYL-2,4-PENTANEDIOL 'C6 H14 O2'
ZN non-polymer 'ZINC ION' 'Zn 2'
#
# COMPACT_ATOMS: atom_id res chain seq x y z
N HIS A 12 -5.18 12.28 21.23
CA HIS A 12 -5.30 12.71 19.79
C HIS A 12 -6.74 13.05 19.33
N MSE A 13 -7.05 14.35 19.28
CA MSE A 13 -8.36 14.85 18.86
C MSE A 13 -8.29 15.82 17.67
O MSE A 13 -7.27 16.49 17.43
CB MSE A 13 -9.08 15.57 20.00
CG MSE A 13 -9.14 14.88 21.35
SE MSE A 13 -9.99 16.15 22.61
CE MSE A 13 -8.91 17.89 22.21
N ASP A 14 -9.39 15.91 16.95
CA ASP A 14 -9.48 16.76 15.80
C ASP A 14 -9.62 18.22 16.20
N ARG A 15 -9.28 19.10 15.26
CA ARG A 15 -9.43 20.50 15.53
C ARG A 15 -9.45 21.36 14.29
N ILE A 16 -10.03 22.54 14.47
CA ILE A 16 -10.07 23.55 13.44
C ILE A 16 -8.70 24.16 13.14
N ILE A 17 -8.27 24.03 11.89
CA ILE A 17 -7.04 24.67 11.40
C ILE A 17 -7.07 26.20 11.50
N GLU A 18 -6.01 26.77 12.07
CA GLU A 18 -5.78 28.23 12.15
C GLU A 18 -4.80 28.73 11.08
N LYS A 19 -4.60 30.04 11.00
CA LYS A 19 -3.86 30.61 9.88
C LYS A 19 -2.39 30.22 9.85
N LEU A 20 -1.78 30.21 11.03
CA LEU A 20 -0.37 29.88 11.08
C LEU A 20 -0.05 28.37 11.17
N ASP A 21 -1.07 27.51 11.14
CA ASP A 21 -0.84 26.07 11.11
C ASP A 21 -0.02 25.71 9.88
N HIS A 22 0.87 24.74 10.06
CA HIS A 22 1.90 24.43 9.11
C HIS A 22 2.08 22.91 9.17
N GLY A 23 2.57 22.33 8.08
CA GLY A 23 2.95 20.93 8.07
C GLY A 23 2.64 20.30 6.75
N TRP A 24 2.35 18.99 6.81
CA TRP A 24 2.00 18.24 5.63
C TRP A 24 0.52 17.97 5.65
N TRP A 25 -0.14 18.16 4.50
CA TRP A 25 -1.61 18.12 4.47
C TRP A 25 -2.07 16.98 3.59
N VAL A 26 -2.71 16.02 4.23
CA VAL A 26 -3.30 14.89 3.57
C VAL A 26 -4.79 15.19 3.48
N VAL A 27 -5.20 15.61 2.29
CA VAL A 27 -6.55 16.15 2.10
C VAL A 27 -7.20 15.11 1.24
N SER A 28 -8.12 14.39 1.85
CA SER A 28 -8.62 13.14 1.29
C SER A 28 -10.15 13.16 1.08
N HIS A 29 -10.59 12.60 -0.05
CA HIS A 29 -12.02 12.41 -0.35
C HIS A 29 -12.17 11.18 -1.26
N GLU A 30 -13.08 10.27 -0.90
CA GLU A 30 -13.41 9.11 -1.76
C GLU A 30 -12.18 8.28 -2.14
N GLN A 31 -11.41 7.89 -1.13
CA GLN A 31 -10.16 7.07 -1.32
C GLN A 31 -9.04 7.71 -2.15
N LYS A 32 -9.11 9.01 -2.37
CA LYS A 32 -8.09 9.75 -3.10
C LYS A 32 -7.47 10.81 -2.19
N LEU A 33 -6.33 11.36 -2.57
CA LEU A 33 -5.84 12.53 -1.86
C LEU A 33 -5.43 13.61 -2.82
N TRP A 34 -5.40 14.83 -2.33
CA TRP A 34 -5.08 16.02 -3.11
C TRP A 34 -3.58 16.21 -3.28
N LEU A 35 -3.14 16.27 -4.55
CA LEU A 35 -1.74 16.40 -4.92
C LEU A 35 -1.57 17.49 -5.96
N PRO A 36 -1.73 18.75 -5.56
CA PRO A 36 -1.58 19.85 -6.50
C PRO A 36 -0.15 19.89 -7.00
N LYS A 37 0.01 20.12 -8.30
CA LYS A 37 1.28 20.04 -9.03
C LYS A 37 1.93 18.66 -8.91
N GLY A 38 1.14 17.68 -8.46
CA GLY A 38 1.61 16.32 -8.32
C GLY A 38 2.38 16.09 -7.04
N GLU A 39 2.32 17.07 -6.13
CA GLU A 39 3.08 17.04 -4.88
C GLU A 39 2.11 16.98 -3.69
N LEU A 40 2.57 16.42 -2.58
CA LEU A 40 1.82 16.43 -1.33
C LEU A 40 1.93 17.83 -0.69
N PRO A 41 0.80 18.46 -0.35
CA PRO A 41 0.78 19.83 0.17
C PRO A 41 1.66 19.95 1.39
N TYR A 42 2.56 20.93 1.35
CA TYR A 42 3.46 21.18 2.44
C TYR A 42 3.50 22.69 2.67
N GLY A 43 3.31 23.13 3.90
CA GLY A 43 3.43 24.56 4.22
C GLY A 43 2.30 25.02 5.10
N GLU A 44 2.12 26.34 5.13
CA GLU A 44 1.11 26.99 5.95
C GLU A 44 -0.27 26.72 5.40
N ALA A 45 -1.21 26.47 6.29
CA ALA A 45 -2.59 26.13 5.92
C ALA A 45 -3.18 27.18 5.01
N ALA A 46 -2.83 28.44 5.24
CA ALA A 46 -3.43 29.54 4.49
C ALA A 46 -3.06 29.46 3.02
N ASN A 47 -1.91 28.87 2.73
CA ASN A 47 -1.46 28.75 1.35
C ASN A 47 -2.18 27.64 0.59
N PHE A 48 -2.93 26.80 1.31
CA PHE A 48 -3.69 25.72 0.69
C PHE A 48 -5.21 25.85 0.87
N ASP A 49 -5.62 27.05 1.31
CA ASP A 49 -7.01 27.39 1.63
C ASP A 49 -7.64 26.39 2.61
N LEU A 50 -6.87 26.04 3.62
CA LEU A 50 -7.29 25.04 4.59
C LEU A 50 -7.70 25.62 5.96
N VAL A 51 -7.51 26.93 6.17
CA VAL A 51 -7.88 27.56 7.43
C VAL A 51 -9.37 27.37 7.69
N GLY A 52 -9.73 26.94 8.89
CA GLY A 52 -11.15 26.77 9.26
C GLY A 52 -11.63 25.36 9.04
N GLN A 53 -10.83 24.55 8.32
CA GLN A 53 -11.15 23.12 8.15
C GLN A 53 -10.82 22.38 9.42
N ARG A 54 -11.47 21.25 9.60
CA ARG A 54 -11.21 20.39 10.73
C ARG A 54 -10.15 19.38 10.28
N ALA A 55 -9.09 19.25 11.07
CA ALA A 55 -7.98 18.38 10.73
C ALA A 55 -7.69 17.47 11.91
N LEU A 56 -6.95 16.39 11.64
CA LEU A 56 -6.54 15.43 12.64
C LEU A 56 -5.07 15.16 12.41
N GLN A 57 -4.25 15.30 13.46
CA GLN A 57 -2.85 14.95 13.33
C GLN A 57 -2.69 13.44 13.38
N ILE A 58 -2.15 12.88 12.30
CA ILE A 58 -1.92 11.44 12.13
C ILE A 58 -0.44 11.02 12.19
N GLY A 59 0.46 11.99 12.35
CA GLY A 59 1.86 11.66 12.55
C GLY A 59 2.73 12.88 12.49
N GLU A 60 4.05 12.67 12.37
CA GLU A 60 5.02 13.72 12.07
C GLU A 60 6.04 13.21 11.05
N TRP A 61 6.55 14.12 10.23
CA TRP A 61 7.58 13.78 9.27
C TRP A 61 8.61 14.87 9.30
N GLN A 62 9.86 14.47 9.56
CA GLN A 62 10.98 15.38 9.74
C GLN A 62 10.61 16.52 10.71
N GLY A 63 10.17 16.11 11.90
CA GLY A 63 9.72 17.02 12.97
C GLY A 63 8.67 18.07 12.62
N GLU A 64 7.72 17.70 11.75
CA GLU A 64 6.63 18.57 11.32
C GLU A 64 5.39 17.69 11.34
N PRO A 65 4.24 18.23 11.75
CA PRO A 65 3.01 17.44 11.81
C PRO A 65 2.52 17.05 10.42
N VAL A 66 1.90 15.88 10.37
CA VAL A 66 1.15 15.42 9.22
C VAL A 66 -0.33 15.47 9.64
N TRP A 67 -1.13 16.20 8.86
CA TRP A 67 -2.54 16.44 9.16
C TRP A 67 -3.39 15.73 8.15
N LEU A 68 -4.45 15.09 8.62
CA LEU A 68 -5.53 14.58 7.76
C LEU A 68 -6.71 15.55 7.76
N VAL A 69 -7.21 15.87 6.56
CA VAL A 69 -8.40 16.68 6.37
C VAL A 69 -9.31 16.01 5.34
N GLN A 70 -10.61 15.97 5.63
CA GLN A 70 -11.56 15.36 4.72
C GLN A 70 -12.23 16.46 3.94
N GLN A 71 -11.81 16.60 2.69
CA GLN A 71 -12.36 17.63 1.84
C GLN A 71 -12.14 17.21 0.41
N GLN A 72 -13.09 17.53 -0.44
CA GLN A 72 -12.93 17.33 -1.86
C GLN A 72 -12.33 18.56 -2.49
N ARG A 73 -11.40 18.33 -3.41
CA ARG A 73 -10.90 19.41 -4.25
C ARG A 73 -11.35 19.19 -5.69
N ARG A 74 -11.55 20.27 -6.42
CA ARG A 74 -11.92 20.20 -7.83
C ARG A 74 -10.90 19.44 -8.69
N HIS A 75 -9.61 19.75 -8.52
CA HIS A 75 -8.54 19.16 -9.33
C HIS A 75 -7.49 18.41 -8.52
N ASP A 76 -6.70 17.60 -9.21
CA ASP A 76 -5.48 16.98 -8.69
C ASP A 76 -5.69 15.99 -7.57
N MSE A 77 -6.87 15.35 -7.56
CA MSE A 77 -7.18 14.26 -6.63
C MSE A 77 -6.63 12.98 -7.25
O MSE A 77 -6.81 12.74 -8.42
CB MSE A 77 -8.68 14.08 -6.40
CG MSE A 77 -9.38 15.29 -5.75
SE MSE A 77 -8.87 15.78 -3.91
CE MSE A 77 -9.32 14.20 -2.82
N GLY A 78 -5.88 12.20 -6.48
CA GLY A 78 -5.40 10.95 -7.03
C GLY A 78 -5.15 9.86 -6.02
N SER A 79 -4.70 8.72 -6.52
CA SER A 79 -4.40 7.58 -5.70
C SER A 79 -3.16 7.85 -4.81
N VAL A 80 -3.14 7.23 -3.66
CA VAL A 80 -2.02 7.41 -2.76
C VAL A 80 -0.76 6.66 -3.24
N ARG A 81 -0.91 5.75 -4.21
CA ARG A 81 0.26 5.12 -4.84
C ARG A 81 1.20 6.14 -5.47
N GLN A 82 0.66 7.25 -5.97
CA GLN A 82 1.49 8.33 -6.57
C GLN A 82 2.57 8.86 -5.60
N VAL A 83 2.28 8.79 -4.30
CA VAL A 83 3.24 9.23 -3.28
C VAL A 83 4.47 8.33 -3.12
N ILE A 84 4.35 7.04 -3.46
CA ILE A 84 5.52 6.13 -3.49
C ILE A 84 6.67 6.78 -4.23
N ASP A 85 6.36 7.36 -5.39
CA ASP A 85 7.36 7.94 -6.32
C ASP A 85 7.92 9.29 -5.85
N LEU A 86 7.17 9.94 -4.94
CA LEU A 86 7.63 11.14 -4.23
C LEU A 86 8.60 10.80 -3.08
N ASP A 87 8.12 10.03 -2.11
CA ASP A 87 8.92 9.55 -0.97
C ASP A 87 8.22 8.31 -0.39
N VAL A 88 8.97 7.21 -0.23
CA VAL A 88 8.38 5.96 0.27
C VAL A 88 8.02 6.04 1.75
N GLY A 89 8.76 6.84 2.52
CA GLY A 89 8.43 7.04 3.94
C GLY A 89 7.19 7.87 4.14
N LEU A 90 7.06 8.97 3.39
CA LEU A 90 5.86 9.82 3.49
C LEU A 90 4.61 9.12 2.97
N PHE A 91 4.80 8.29 1.95
CA PHE A 91 3.79 7.36 1.45
C PHE A 91 3.09 6.61 2.59
N GLN A 92 3.87 6.09 3.56
CA GLN A 92 3.28 5.32 4.66
C GLN A 92 2.30 6.24 5.47
N LEU A 93 2.72 7.45 5.80
CA LEU A 93 1.88 8.43 6.51
C LEU A 93 0.61 8.87 5.78
N ALA A 94 0.80 9.32 4.55
CA ALA A 94 -0.31 9.71 3.71
C ALA A 94 -1.31 8.58 3.51
N GLY A 95 -0.84 7.37 3.19
CA GLY A 95 -1.78 6.25 2.89
C GLY A 95 -2.56 5.89 4.14
N ARG A 96 -1.93 6.02 5.31
CA ARG A 96 -2.61 5.68 6.56
C ARG A 96 -3.74 6.66 6.87
N GLY A 97 -3.48 7.92 6.51
CA GLY A 97 -4.48 8.96 6.49
C GLY A 97 -5.66 8.57 5.66
N VAL A 98 -5.42 8.18 4.42
CA VAL A 98 -6.47 7.75 3.52
C VAL A 98 -7.21 6.53 4.12
N GLN A 99 -6.45 5.57 4.66
CA GLN A 99 -7.02 4.36 5.26
C GLN A 99 -7.93 4.73 6.44
N LEU A 100 -7.47 5.64 7.31
CA LEU A 100 -8.25 6.08 8.46
C LEU A 100 -9.59 6.72 8.05
N ALA A 101 -9.58 7.56 7.02
CA ALA A 101 -10.84 8.11 6.49
C ALA A 101 -11.79 6.99 6.00
N GLU A 102 -11.24 5.96 5.37
CA GLU A 102 -12.05 4.83 4.94
C GLU A 102 -12.56 3.97 6.11
N PHE A 103 -11.72 3.82 7.14
CA PHE A 103 -12.09 3.11 8.34
C PHE A 103 -13.29 3.81 9.02
N TYR A 104 -13.22 5.13 9.15
CA TYR A 104 -14.34 5.89 9.66
C TYR A 104 -15.60 5.73 8.82
N ARG A 105 -15.45 5.77 7.50
CA ARG A 105 -16.61 5.68 6.65
C ARG A 105 -17.29 4.29 6.80
N SER A 106 -16.50 3.22 6.93
CA SER A 106 -17.03 1.86 6.97
C SER A 106 -17.60 1.52 8.36
N HIS A 107 -17.48 2.46 9.30
CA HIS A 107 -17.94 2.28 10.71
C HIS A 107 -18.68 3.48 11.21
N LYS A 108 -19.40 4.15 10.31
CA LYS A 108 -20.31 5.22 10.71
C LYS A 108 -21.42 4.68 11.66
N TYR A 109 -21.89 3.45 11.38
CA TYR A 109 -22.90 2.77 12.21
C TYR A 109 -22.29 1.56 12.84
N CYS A 110 -22.82 1.18 13.98
CA CYS A 110 -22.29 0.05 14.72
C CYS A 110 -22.81 -1.24 14.06
N GLY A 111 -21.92 -2.14 13.66
CA GLY A 111 -22.34 -3.43 13.10
C GLY A 111 -23.07 -4.35 14.07
N TYR A 112 -22.84 -4.18 15.38
CA TYR A 112 -23.49 -4.99 16.41
C TYR A 112 -24.93 -4.52 16.68
N CYS A 113 -25.16 -3.22 16.81
CA CYS A 113 -26.45 -2.73 17.30
C CYS A 113 -27.08 -1.68 16.40
N GLY A 114 -26.34 -1.21 15.38
CA GLY A 114 -26.94 -0.26 14.43
C GLY A 114 -26.92 1.23 14.81
N HIS A 115 -26.45 1.57 16.01
CA HIS A 115 -26.38 3.00 16.37
C HIS A 115 -25.14 3.66 15.77
N GLU A 116 -25.10 4.99 15.83
CA GLU A 116 -24.00 5.74 15.26
C GLU A 116 -22.75 5.56 16.10
N MSE A 117 -21.59 5.50 15.44
CA MSE A 117 -20.31 5.41 16.14
C MSE A 117 -19.60 6.75 16.15
O MSE A 117 -20.04 7.74 15.52
CB MSE A 117 -19.42 4.36 15.50
CG MSE A 117 -20.06 3.02 15.44
SE MSE A 117 -18.81 1.58 15.15
CE MSE A 117 -18.64 0.93 16.96
N TYR A 118 -18.52 6.80 16.94
CA TYR A 118 -17.69 7.99 16.98
C TYR A 118 -16.27 7.50 17.28
N PRO A 119 -15.28 8.26 16.83
CA PRO A 119 -13.87 7.82 16.90
C PRO A 119 -13.37 7.84 18.36
N SER A 120 -12.62 6.83 18.79
CA SER A 120 -11.94 6.93 20.08
C SER A 120 -10.94 8.10 20.09
N LYS A 121 -10.76 8.71 21.25
CA LYS A 121 -9.77 9.77 21.44
C LYS A 121 -8.42 9.21 21.92
N THR A 122 -8.41 7.96 22.41
CA THR A 122 -7.18 7.40 23.03
C THR A 122 -6.55 6.27 22.21
N GLU A 123 -7.24 5.81 21.18
CA GLU A 123 -6.75 4.75 20.31
C GLU A 123 -7.31 5.04 18.93
N TRP A 124 -6.75 4.37 17.95
CA TRP A 124 -7.29 4.39 16.60
C TRP A 124 -8.40 3.32 16.54
N ALA A 125 -9.58 3.71 17.02
CA ALA A 125 -10.69 2.82 17.18
C ALA A 125 -11.96 3.62 16.97
N MSE A 126 -13.03 2.89 16.72
CA MSE A 126 -14.33 3.44 16.56
C MSE A 126 -15.17 2.87 17.74
O MSE A 126 -15.18 1.68 17.96
CB MSE A 126 -14.89 2.99 15.21
CG MSE A 126 -15.97 3.88 14.68
SE MSE A 126 -15.16 5.65 14.10
CE MSE A 126 -16.79 6.64 13.43
N LEU A 127 -15.81 3.77 18.50
CA LEU A 127 -16.63 3.44 19.67
C LEU A 127 -18.11 3.68 19.36
N CYS A 128 -18.98 3.01 20.10
CA CYS A 128 -20.40 3.04 19.83
C CYS A 128 -21.07 4.03 20.76
N SER A 129 -22.00 4.83 20.24
CA SER A 129 -22.74 5.77 21.06
C SER A 129 -23.71 5.07 21.99
N HIS A 130 -24.01 3.80 21.72
CA HIS A 130 -25.05 3.05 22.47
C HIS A 130 -24.51 1.85 23.24
N CYS A 131 -23.75 0.98 22.56
CA CYS A 131 -23.30 -0.24 23.19
C CYS A 131 -21.82 -0.14 23.56
N ARG A 132 -21.29 -1.26 24.03
CA ARG A 132 -19.94 -1.33 24.54
C ARG A 132 -18.91 -1.87 23.54
N GLU A 133 -19.36 -2.22 22.33
CA GLU A 133 -18.43 -2.81 21.35
C GLU A 133 -17.59 -1.74 20.66
N ARG A 134 -16.52 -2.18 20.01
CA ARG A 134 -15.65 -1.25 19.31
C ARG A 134 -14.92 -1.97 18.15
N TYR A 135 -14.37 -1.19 17.21
CA TYR A 135 -13.70 -1.72 16.03
C TYR A 135 -12.32 -1.10 15.90
N TYR A 136 -11.38 -1.88 15.39
CA TYR A 136 -10.00 -1.44 15.15
C TYR A 136 -9.67 -1.59 13.67
N PRO A 137 -8.84 -0.75 13.08
CA PRO A 137 -8.54 -0.93 11.66
C PRO A 137 -7.72 -2.26 11.50
N GLN A 138 -7.95 -2.95 10.41
CA GLN A 138 -7.38 -4.28 10.23
C GLN A 138 -6.12 -4.15 9.43
N ILE A 139 -5.25 -5.14 9.55
CA ILE A 139 -4.07 -5.22 8.75
C ILE A 139 -4.12 -6.52 7.97
N ALA A 140 -4.22 -6.44 6.66
CA ALA A 140 -4.31 -7.67 5.87
C ALA A 140 -2.92 -8.28 5.58
N PRO A 141 -2.66 -9.52 6.02
CA PRO A 141 -1.43 -10.19 5.64
C PRO A 141 -1.43 -10.46 4.13
N CYS A 142 -0.28 -10.21 3.52
CA CYS A 142 -0.08 -10.26 2.10
C CYS A 142 1.23 -10.95 1.80
N ILE A 143 1.34 -11.71 0.72
CA ILE A 143 2.66 -12.19 0.26
C ILE A 143 3.11 -11.43 -0.97
N ILE A 144 4.44 -11.33 -1.13
CA ILE A 144 5.06 -10.85 -2.36
C ILE A 144 6.29 -11.73 -2.66
N VAL A 145 6.40 -12.16 -3.92
CA VAL A 145 7.42 -13.13 -4.23
C VAL A 145 8.14 -12.84 -5.54
N ALA A 146 9.47 -12.83 -5.47
CA ALA A 146 10.33 -12.83 -6.65
C ALA A 146 10.74 -14.26 -6.99
N ILE A 147 10.35 -14.70 -8.20
CA ILE A 147 10.71 -16.03 -8.72
C ILE A 147 11.86 -16.00 -9.73
N ARG A 148 12.95 -16.67 -9.37
CA ARG A 148 14.14 -16.78 -10.18
C ARG A 148 14.13 -18.08 -10.97
N ARG A 149 14.41 -18.00 -12.25
CA ARG A 149 14.62 -19.18 -13.07
C ARG A 149 16.00 -19.04 -13.70
N ASP A 150 17.01 -19.65 -13.03
CA ASP A 150 18.38 -19.57 -13.54
C ASP A 150 18.90 -18.13 -13.56
N ASP A 151 19.10 -17.60 -14.78
CA ASP A 151 19.54 -16.22 -14.98
C ASP A 151 18.38 -15.28 -15.29
N SER A 152 17.16 -15.77 -15.07
CA SER A 152 15.94 -15.07 -15.43
C SER A 152 15.04 -14.79 -14.22
N ILE A 153 14.27 -13.71 -14.27
CA ILE A 153 13.25 -13.46 -13.23
C ILE A 153 11.87 -13.23 -13.83
N LEU A 154 10.85 -13.71 -13.14
CA LEU A 154 9.49 -13.54 -13.58
C LEU A 154 8.96 -12.17 -13.16
N LEU A 155 8.58 -11.39 -14.16
CA LEU A 155 7.93 -10.12 -13.94
C LEU A 155 6.64 -10.02 -14.76
N ALA A 156 5.64 -9.40 -14.13
CA ALA A 156 4.33 -9.25 -14.73
C ALA A 156 3.91 -7.80 -14.74
N GLN A 157 3.10 -7.44 -15.74
CA GLN A 157 2.34 -6.19 -15.72
C GLN A 157 0.92 -6.49 -15.26
N HIS A 158 0.43 -5.67 -14.34
CA HIS A 158 -0.85 -5.91 -13.70
C HIS A 158 -1.96 -5.15 -14.40
N THR A 159 -3.15 -5.75 -14.43
CA THR A 159 -4.34 -5.15 -15.04
C THR A 159 -4.76 -3.93 -14.24
N ARG A 160 -4.72 -4.06 -12.92
CA ARG A 160 -5.13 -3.02 -11.98
C ARG A 160 -4.45 -1.67 -12.26
N HIS A 161 -3.14 -1.70 -12.42
CA HIS A 161 -2.40 -0.45 -12.57
C HIS A 161 -2.33 0.06 -14.01
N ARG A 162 -1.92 -0.81 -14.94
CA ARG A 162 -1.76 -0.47 -16.37
C ARG A 162 -0.72 0.65 -16.58
N ASN A 163 0.28 0.67 -15.70
CA ASN A 163 1.27 1.77 -15.60
C ASN A 163 2.61 1.53 -16.31
N GLY A 164 2.70 0.43 -17.05
CA GLY A 164 3.91 0.06 -17.80
C GLY A 164 5.02 -0.57 -16.96
N VAL A 165 4.78 -0.70 -15.66
CA VAL A 165 5.78 -1.20 -14.72
C VAL A 165 5.72 -2.72 -14.62
N HIS A 166 6.89 -3.35 -14.76
CA HIS A 166 7.02 -4.80 -14.65
C HIS A 166 7.42 -5.12 -13.25
N THR A 167 6.61 -5.92 -12.57
CA THR A 167 6.90 -6.23 -11.18
C THR A 167 6.68 -7.70 -10.81
N VAL A 168 6.89 -8.00 -9.53
CA VAL A 168 6.79 -9.39 -9.06
C VAL A 168 5.34 -9.71 -8.69
N LEU A 169 5.09 -10.93 -8.24
CA LEU A 169 3.73 -11.36 -7.88
C LEU A 169 3.43 -11.12 -6.40
N ALA A 170 2.18 -10.74 -6.13
CA ALA A 170 1.70 -10.52 -4.78
C ALA A 170 0.19 -10.90 -4.61
N GLY A 171 -0.20 -11.33 -3.42
CA GLY A 171 -1.62 -11.56 -3.14
C GLY A 171 -1.94 -11.65 -1.66
N PHE A 172 -3.21 -11.50 -1.34
CA PHE A 172 -3.70 -11.65 0.04
C PHE A 172 -3.60 -13.07 0.58
N VAL A 173 -3.15 -13.21 1.84
CA VAL A 173 -3.23 -14.51 2.51
C VAL A 173 -4.71 -14.79 2.80
N GLU A 174 -5.09 -16.05 2.56
CA GLU A 174 -6.50 -16.45 2.74
C GLU A 174 -6.72 -17.19 4.06
N VAL A 175 -7.98 -17.41 4.45
CA VAL A 175 -8.25 -18.10 5.72
C VAL A 175 -7.67 -19.52 5.73
N GLY A 176 -7.15 -19.94 6.88
CA GLY A 176 -6.59 -21.26 7.00
C GLY A 176 -5.23 -21.52 6.33
N GLU A 177 -4.59 -20.49 5.75
CA GLU A 177 -3.34 -20.72 4.99
C GLU A 177 -2.10 -20.28 5.78
N THR A 178 -0.98 -20.96 5.61
CA THR A 178 0.29 -20.41 6.03
C THR A 178 0.73 -19.39 4.95
N LEU A 179 1.77 -18.61 5.24
CA LEU A 179 2.35 -17.69 4.22
C LEU A 179 2.86 -18.49 3.02
N GLU A 180 3.51 -19.61 3.32
CA GLU A 180 4.09 -20.48 2.31
C GLU A 180 3.02 -21.03 1.38
N GLN A 181 1.88 -21.44 1.94
CA GLN A 181 0.76 -21.92 1.13
C GLN A 181 0.18 -20.77 0.32
N ALA A 182 0.18 -19.58 0.88
CA ALA A 182 -0.33 -18.41 0.16
C ALA A 182 0.55 -18.08 -1.05
N VAL A 183 1.87 -18.19 -0.89
CA VAL A 183 2.80 -17.99 -2.00
C VAL A 183 2.56 -18.99 -3.15
N ALA A 184 2.61 -20.27 -2.84
CA ALA A 184 2.39 -21.32 -3.83
C ALA A 184 1.04 -21.13 -4.51
N ARG A 185 -0.02 -20.94 -3.72
CA ARG A 185 -1.36 -20.73 -4.33
C ARG A 185 -1.40 -19.53 -5.29
N GLU A 186 -0.93 -18.37 -4.83
CA GLU A 186 -0.99 -17.12 -5.61
C GLU A 186 -0.23 -17.24 -6.94
N VAL A 187 0.96 -17.83 -6.87
CA VAL A 187 1.80 -18.01 -8.04
C VAL A 187 1.09 -18.91 -9.03
N MSE A 188 0.61 -20.05 -8.54
CA MSE A 188 -0.09 -21.02 -9.35
C MSE A 188 -1.30 -20.36 -10.01
O MSE A 188 -1.50 -20.50 -11.21
CB MSE A 188 -0.52 -22.21 -8.51
CG MSE A 188 -1.33 -23.28 -9.25
SE MSE A 188 -0.35 -24.04 -10.77
CE MSE A 188 1.24 -24.74 -9.81
N GLU A 189 -2.08 -19.62 -9.24
CA GLU A 189 -3.31 -18.99 -9.74
C GLU A 189 -3.05 -17.95 -10.84
N GLU A 190 -2.12 -17.04 -10.59
CA GLU A 190 -1.84 -15.93 -11.49
C GLU A 190 -1.02 -16.33 -12.72
N SER A 191 -0.11 -17.29 -12.55
CA SER A 191 0.87 -17.56 -13.61
C SER A 191 0.98 -19.04 -13.99
N GLY A 192 0.38 -19.91 -13.19
CA GLY A 192 0.40 -21.34 -13.47
C GLY A 192 1.74 -22.02 -13.29
N ILE A 193 2.67 -21.39 -12.58
CA ILE A 193 3.94 -22.05 -12.31
C ILE A 193 4.04 -22.59 -10.88
N LYS A 194 4.81 -23.66 -10.74
CA LYS A 194 5.09 -24.29 -9.44
C LYS A 194 6.50 -23.83 -9.01
N VAL A 195 6.65 -23.43 -7.75
CA VAL A 195 7.97 -23.00 -7.24
C VAL A 195 8.56 -23.91 -6.15
N LYS A 196 9.84 -23.73 -5.89
CA LYS A 196 10.52 -24.40 -4.78
C LYS A 196 11.45 -23.42 -4.07
N ASN A 197 12.16 -23.86 -3.04
CA ASN A 197 13.15 -23.05 -2.31
C ASN A 197 12.57 -21.73 -1.82
N LEU A 198 11.37 -21.83 -1.29
CA LEU A 198 10.68 -20.67 -0.75
C LEU A 198 11.55 -20.17 0.38
N ARG A 199 11.90 -18.90 0.34
CA ARG A 199 12.53 -18.34 1.52
C ARG A 199 12.08 -16.95 1.86
N TYR A 200 11.77 -16.77 3.13
CA TYR A 200 11.35 -15.50 3.65
C TYR A 200 12.55 -14.55 3.68
N VAL A 201 12.40 -13.32 3.20
CA VAL A 201 13.50 -12.37 3.31
C VAL A 201 13.23 -11.15 4.19
N THR A 202 12.02 -10.60 4.11
CA THR A 202 11.67 -9.45 4.96
C THR A 202 10.17 -9.15 4.99
N SER A 203 9.77 -8.11 5.73
CA SER A 203 8.39 -7.63 5.78
C SER A 203 8.34 -6.12 5.79
N GLN A 204 7.26 -5.55 5.23
CA GLN A 204 7.00 -4.11 5.32
C GLN A 204 5.48 -3.87 5.35
N PRO A 205 5.05 -2.85 6.08
CA PRO A 205 3.67 -2.44 6.03
C PRO A 205 3.35 -1.80 4.67
N TRP A 206 2.10 -1.95 4.24
CA TRP A 206 1.56 -1.19 3.12
C TRP A 206 0.34 -0.41 3.67
N PRO A 207 0.20 0.88 3.38
CA PRO A 207 -0.72 1.70 4.16
C PRO A 207 -2.21 1.71 3.79
N PHE A 208 -2.52 1.53 2.49
CA PHE A 208 -3.88 1.58 1.90
C PHE A 208 -4.03 0.72 0.61
N PRO A 209 -4.80 -0.38 0.63
CA PRO A 209 -5.45 -0.92 1.84
C PRO A 209 -4.41 -1.40 2.86
N GLN A 210 -4.65 -1.12 4.14
CA GLN A 210 -3.63 -1.39 5.16
C GLN A 210 -3.29 -2.86 5.26
N SER A 211 -2.01 -3.19 5.05
CA SER A 211 -1.57 -4.57 4.88
C SER A 211 -0.17 -4.79 5.45
N LEU A 212 0.16 -6.06 5.65
CA LEU A 212 1.55 -6.42 5.98
C LEU A 212 2.08 -7.31 4.88
N MSE A 213 3.13 -6.87 4.19
CA MSE A 213 3.69 -7.60 3.07
C MSE A 213 4.83 -8.42 3.58
O MSE A 213 5.76 -7.88 4.15
CB MSE A 213 4.20 -6.62 2.03
CB MSE A 213 4.22 -6.66 2.01
CG MSE A 213 3.25 -5.41 1.83
CG MSE A 213 3.24 -5.60 1.58
SE MSE A 213 1.78 -5.85 0.64
SE MSE A 213 4.05 -4.67 0.10
CE MSE A 213 2.71 -6.88 -0.76
CE MSE A 213 5.15 -3.34 1.13
N THR A 214 4.75 -9.74 3.38
CA THR A 214 5.88 -10.62 3.66
C THR A 214 6.47 -10.98 2.31
N ALA A 215 7.76 -10.73 2.21
CA ALA A 215 8.50 -10.87 0.97
C ALA A 215 9.29 -12.16 0.93
N PHE A 216 9.11 -12.91 -0.16
CA PHE A 216 9.78 -14.18 -0.33
C PHE A 216 10.60 -14.21 -1.61
N MSE A 217 11.57 -15.11 -1.63
CA MSE A 217 12.39 -15.40 -2.76
C MSE A 217 12.05 -16.84 -3.07
O MSE A 217 11.73 -17.59 -2.15
CB MSE A 217 13.86 -15.33 -2.33
CB MSE A 217 13.87 -15.17 -2.43
CG MSE A 217 14.86 -14.83 -3.37
CG MSE A 217 14.15 -13.71 -2.05
SE MSE A 217 15.64 -13.06 -2.94
SE MSE A 217 14.51 -12.52 -3.57
CE MSE A 217 17.30 -13.63 -2.00
CE MSE A 217 16.28 -13.40 -4.22
N ALA A 218 12.09 -17.23 -4.34
CA ALA A 218 11.72 -18.58 -4.76
C ALA A 218 12.32 -18.91 -6.10
N GLU A 219 12.44 -20.19 -6.38
CA GLU A 219 13.04 -20.68 -7.63
C GLU A 219 11.99 -21.40 -8.45
N TYR A 220 12.06 -21.24 -9.77
CA TYR A 220 11.16 -21.98 -10.67
C TYR A 220 11.28 -23.50 -10.50
N ASP A 221 10.13 -24.17 -10.39
CA ASP A 221 10.12 -25.63 -10.30
C ASP A 221 9.58 -26.27 -11.58
N SER A 222 8.35 -25.91 -11.98
CA SER A 222 7.73 -26.48 -13.19
C SER A 222 6.56 -25.65 -13.70
N GLY A 223 6.17 -25.88 -14.95
CA GLY A 223 5.01 -25.23 -15.56
C GLY A 223 5.33 -24.21 -16.63
N ASP A 224 4.32 -23.87 -17.43
CA ASP A 224 4.40 -22.85 -18.47
C ASP A 224 3.49 -21.71 -18.08
N ILE A 225 3.92 -20.48 -18.37
CA ILE A 225 3.16 -19.31 -17.93
C ILE A 225 1.82 -19.18 -18.65
N VAL A 226 0.75 -19.19 -17.87
CA VAL A 226 -0.58 -18.88 -18.37
C VAL A 226 -1.23 -17.91 -17.39
N ILE A 227 -1.37 -16.67 -17.83
CA ILE A 227 -1.81 -15.57 -17.00
C ILE A 227 -3.33 -15.51 -16.84
N ASP A 228 -3.76 -15.25 -15.60
CA ASP A 228 -5.14 -14.89 -15.29
C ASP A 228 -5.33 -13.44 -15.77
N PRO A 229 -6.13 -13.26 -16.83
CA PRO A 229 -6.27 -11.95 -17.47
C PRO A 229 -6.97 -10.93 -16.57
N LYS A 230 -7.74 -11.44 -15.60
CA LYS A 230 -8.37 -10.62 -14.57
C LYS A 230 -7.32 -9.97 -13.68
N GLU A 231 -6.16 -10.62 -13.58
CA GLU A 231 -5.07 -10.18 -12.73
C GLU A 231 -3.91 -9.50 -13.47
N LEU A 232 -3.49 -10.09 -14.60
CA LEU A 232 -2.27 -9.66 -15.29
C LEU A 232 -2.50 -9.47 -16.77
N LEU A 233 -1.84 -8.46 -17.32
CA LEU A 233 -1.87 -8.21 -18.76
C LEU A 233 -0.85 -9.11 -19.43
N GLU A 234 0.36 -9.12 -18.90
CA GLU A 234 1.47 -9.86 -19.47
C GLU A 234 2.34 -10.42 -18.35
N ALA A 235 3.03 -11.52 -18.63
CA ALA A 235 4.06 -12.07 -17.72
C ALA A 235 5.08 -12.86 -18.51
N ASN A 236 6.35 -12.68 -18.16
CA ASN A 236 7.43 -13.37 -18.81
C ASN A 236 8.66 -13.47 -17.93
N TRP A 237 9.62 -14.28 -18.37
CA TRP A 237 10.92 -14.36 -17.74
C TRP A 237 11.83 -13.35 -18.39
N TYR A 238 12.52 -12.55 -17.58
CA TYR A 238 13.40 -11.53 -18.12
C TYR A 238 14.81 -11.79 -17.64
N ARG A 239 15.77 -11.75 -18.57
CA ARG A 239 17.15 -11.96 -18.18
C ARG A 239 17.51 -10.89 -17.14
N TYR A 240 18.23 -11.34 -16.11
CA TYR A 240 18.54 -10.53 -14.94
C TYR A 240 19.33 -9.24 -15.19
N ASP A 241 20.19 -9.24 -16.22
CA ASP A 241 20.98 -8.05 -16.52
C ASP A 241 20.37 -7.17 -17.61
N ASP A 242 19.18 -7.55 -18.07
CA ASP A 242 18.46 -6.80 -19.10
C ASP A 242 16.99 -6.75 -18.72
N LEU A 243 16.67 -5.89 -17.75
CA LEU A 243 15.33 -5.80 -17.20
C LEU A 243 14.57 -4.59 -17.75
N PRO A 244 13.26 -4.74 -17.92
CA PRO A 244 12.41 -3.65 -18.38
C PRO A 244 12.13 -2.65 -17.26
N LEU A 245 11.06 -1.88 -17.38
CA LEU A 245 10.75 -0.85 -16.40
C LEU A 245 10.33 -1.50 -15.08
N LEU A 246 10.98 -1.08 -14.00
CA LEU A 246 10.78 -1.68 -12.68
C LEU A 246 10.07 -0.73 -11.69
N PRO A 247 9.57 -1.27 -10.58
CA PRO A 247 8.95 -0.44 -9.55
C PRO A 247 9.99 0.47 -8.92
N PRO A 248 9.56 1.51 -8.22
CA PRO A 248 10.51 2.53 -7.75
C PRO A 248 11.55 1.98 -6.75
N PRO A 249 12.78 2.54 -6.77
CA PRO A 249 13.81 2.17 -5.79
C PRO A 249 13.26 2.37 -4.37
N GLY A 250 13.62 1.47 -3.46
CA GLY A 250 13.17 1.62 -2.11
C GLY A 250 11.92 0.81 -1.84
N THR A 251 11.19 0.34 -2.87
CA THR A 251 9.99 -0.51 -2.57
C THR A 251 10.47 -1.94 -2.32
N VAL A 252 9.64 -2.70 -1.63
CA VAL A 252 9.89 -4.09 -1.36
C VAL A 252 10.01 -4.83 -2.69
N ALA A 253 9.08 -4.56 -3.61
CA ALA A 253 9.10 -5.19 -4.93
C ALA A 253 10.45 -4.97 -5.61
N ARG A 254 10.95 -3.74 -5.56
CA ARG A 254 12.19 -3.41 -6.25
C ARG A 254 13.40 -4.06 -5.59
N ARG A 255 13.40 -4.06 -4.26
CA ARG A 255 14.48 -4.60 -3.47
C ARG A 255 14.57 -6.10 -3.71
N LEU A 256 13.42 -6.74 -3.84
CA LEU A 256 13.40 -8.17 -4.14
C LEU A 256 13.93 -8.52 -5.52
N ILE A 257 13.59 -7.71 -6.50
CA ILE A 257 14.09 -7.90 -7.85
C ILE A 257 15.61 -7.70 -7.83
N GLU A 258 16.08 -6.65 -7.15
CA GLU A 258 17.51 -6.35 -7.11
C GLU A 258 18.38 -7.37 -6.36
N ASP A 259 17.82 -8.03 -5.35
CA ASP A 259 18.53 -9.11 -4.65
C ASP A 259 18.67 -10.35 -5.53
N THR A 260 17.65 -10.57 -6.36
CA THR A 260 17.66 -11.66 -7.31
C THR A 260 18.77 -11.39 -8.30
N VAL A 261 18.82 -10.16 -8.82
CA VAL A 261 19.89 -9.72 -9.72
C VAL A 261 21.26 -9.93 -9.07
N ALA A 262 21.35 -9.63 -7.78
CA ALA A 262 22.61 -9.71 -7.04
C ALA A 262 23.12 -11.17 -6.91
N MSE A 263 22.19 -12.10 -6.71
CA MSE A 263 22.50 -13.51 -6.64
C MSE A 263 22.89 -14.09 -7.99
O MSE A 263 23.80 -14.95 -8.06
CB MSE A 263 21.31 -14.29 -6.15
CG MSE A 263 21.15 -14.34 -4.68
SE MSE A 263 19.49 -15.36 -4.42
CE MSE A 263 20.35 -17.24 -4.26
N CYS A 264 22.19 -13.65 -9.05
CA CYS A 264 22.58 -14.07 -10.39
C CYS A 264 23.98 -13.57 -10.69
N ARG A 265 24.27 -12.34 -10.27
CA ARG A 265 25.60 -11.77 -10.49
C ARG A 265 26.68 -12.65 -9.83
N ALA A 266 26.31 -13.16 -8.65
CA ALA A 266 27.16 -13.98 -7.81
C ALA A 266 27.51 -15.31 -8.52
N GLU A 267 26.56 -15.88 -9.28
CA GLU A 267 26.85 -16.98 -10.22
C GLU A 267 27.10 -16.48 -11.66
N TYR A 268 28.23 -15.75 -11.80
CA TYR A 268 28.76 -15.36 -13.13
C TYR A 268 30.38 -15.03 -13.00
ZN ZN B . -23.20 -0.55 19.09
C1 MPD C . -4.78 3.30 12.30
C2 MPD C . -4.60 3.84 10.91
O2 MPD C . -3.43 3.23 10.34
CM MPD C . -5.76 3.45 9.98
C3 MPD C . -4.40 5.35 11.00
C4 MPD C . -3.28 5.85 11.93
O4 MPD C . -2.04 5.28 11.54
C5 MPD C . -3.14 7.37 11.78
C1 MPD D . -10.91 15.60 11.16
C2 MPD D . -11.26 14.31 10.42
O2 MPD D . -12.32 14.58 9.47
CM MPD D . -10.01 13.90 9.67
C3 MPD D . -11.60 13.13 11.32
C4 MPD D . -12.51 13.41 12.52
O4 MPD D . -13.74 12.71 12.39
C5 MPD D . -11.83 12.98 13.81
C1 MPD E . -2.15 -4.15 -1.14
C2 MPD E . -1.24 -4.50 -2.31
O2 MPD E . -1.79 -3.81 -3.45
CM MPD E . 0.17 -3.95 -2.10
C3 MPD E . -1.11 -6.02 -2.52
C4 MPD E . -2.25 -6.76 -3.23
O4 MPD E . -2.04 -6.80 -4.63
C5 MPD E . -2.30 -8.22 -2.80
#